data_9HSU
#
_entry.id   9HSU
#
_cell.length_a   50.337
_cell.length_b   70.327
_cell.length_c   117.814
_cell.angle_alpha   90.000
_cell.angle_beta   90.000
_cell.angle_gamma   90.000
#
_symmetry.space_group_name_H-M   'I 2 2 2'
#
loop_
_entity.id
_entity.type
_entity.pdbx_description
1 polymer 'choline-phosphate cytidylyltransferase'
2 non-polymer 2-cyanoacetamide
3 water water
#
_entity_poly.entity_id   1
_entity_poly.type   'polypeptide(L)'
_entity_poly.pdbx_seq_one_letter_code
;GHMAVPDDDDDDDNSNDESEYESSQMDSEKNKGSIKNSKNVVIYADGVYDMLHLGHMKQLEQAKKLFENTTLIVGVTSDN
ETKLFKGQVVQTLEERTETLKHIRWVDEIISPCPWVVTPEFLEKYKIDYVAHDDIPYANNQKEDIYAWLKRAGKFKATQR
TEGVSTTDLIVRILKNYED
;
_entity_poly.pdbx_strand_id   A
#
loop_
_chem_comp.id
_chem_comp.type
_chem_comp.name
_chem_comp.formula
XHD non-polymer 2-cyanoacetamide 'C3 H4 N2 O'
#
# COMPACT_ATOMS: atom_id res chain seq x y z
N LYS A 39 12.95 -16.32 -11.63
CA LYS A 39 11.57 -16.15 -12.09
C LYS A 39 10.81 -15.29 -11.09
N ASN A 40 11.39 -15.06 -9.91
CA ASN A 40 10.69 -14.30 -8.88
C ASN A 40 10.74 -12.80 -9.17
N VAL A 41 9.60 -12.14 -9.04
CA VAL A 41 9.45 -10.72 -9.34
C VAL A 41 9.19 -9.99 -8.03
N VAL A 42 9.99 -8.96 -7.74
CA VAL A 42 9.79 -8.19 -6.51
C VAL A 42 8.82 -7.04 -6.79
N ILE A 43 7.71 -7.02 -6.04
CA ILE A 43 6.66 -6.01 -6.17
C ILE A 43 6.70 -5.17 -4.90
N TYR A 44 6.55 -3.86 -5.06
CA TYR A 44 6.55 -2.92 -3.95
C TYR A 44 5.22 -2.17 -3.93
N ALA A 45 4.49 -2.29 -2.84
CA ALA A 45 3.19 -1.63 -2.68
C ALA A 45 3.26 -0.75 -1.45
N ASP A 46 3.32 0.56 -1.61
CA ASP A 46 3.42 1.40 -0.43
C ASP A 46 2.08 2.07 -0.15
N GLY A 47 1.92 2.53 1.10
CA GLY A 47 0.70 3.24 1.44
C GLY A 47 0.64 3.50 2.94
N VAL A 48 -0.50 4.05 3.34
CA VAL A 48 -0.68 4.34 4.75
C VAL A 48 -1.13 3.09 5.50
N TYR A 49 -2.06 2.34 4.92
CA TYR A 49 -2.65 1.15 5.53
C TYR A 49 -3.25 1.46 6.92
N ASP A 50 -3.97 2.58 7.03
CA ASP A 50 -4.70 2.95 8.25
C ASP A 50 -6.01 2.15 8.33
N MET A 51 -6.28 1.63 9.54
CA MET A 51 -7.47 0.86 9.86
C MET A 51 -7.74 -0.16 8.75
N LEU A 52 -6.86 -1.13 8.61
CA LEU A 52 -6.83 -2.01 7.44
C LEU A 52 -8.20 -2.70 7.22
N HIS A 53 -8.73 -2.62 6.00
CA HIS A 53 -10.00 -3.26 5.74
C HIS A 53 -9.94 -4.12 4.48
N LEU A 54 -11.09 -4.62 4.04
CA LEU A 54 -11.13 -5.53 2.88
C LEU A 54 -10.59 -4.87 1.62
N GLY A 55 -10.89 -3.57 1.43
CA GLY A 55 -10.36 -2.86 0.27
C GLY A 55 -8.84 -2.91 0.19
N HIS A 56 -8.16 -2.65 1.31
CA HIS A 56 -6.71 -2.78 1.32
C HIS A 56 -6.29 -4.20 1.00
N MET A 57 -6.97 -5.16 1.63
CA MET A 57 -6.56 -6.56 1.50
C MET A 57 -6.65 -7.02 0.07
N LYS A 58 -7.69 -6.59 -0.64
CA LYS A 58 -7.85 -6.97 -2.03
C LYS A 58 -6.79 -6.35 -2.91
N GLN A 59 -6.37 -5.13 -2.58
CA GLN A 59 -5.27 -4.48 -3.27
C GLN A 59 -3.97 -5.23 -3.05
N LEU A 60 -3.71 -5.66 -1.82
CA LEU A 60 -2.51 -6.45 -1.56
C LEU A 60 -2.57 -7.79 -2.30
N GLU A 61 -3.73 -8.45 -2.32
CA GLU A 61 -3.88 -9.66 -3.12
C GLU A 61 -3.57 -9.37 -4.58
N GLN A 62 -4.08 -8.25 -5.11
CA GLN A 62 -3.87 -7.97 -6.52
C GLN A 62 -2.38 -7.80 -6.82
N ALA A 63 -1.70 -6.99 -6.01
CA ALA A 63 -0.27 -6.82 -6.19
C ALA A 63 0.45 -8.15 -6.06
N LYS A 64 0.11 -8.94 -5.03
CA LYS A 64 0.80 -10.21 -4.86
C LYS A 64 0.62 -11.11 -6.08
N LYS A 65 -0.54 -11.02 -6.75
CA LYS A 65 -0.84 -11.93 -7.85
C LYS A 65 -0.51 -11.37 -9.24
N LEU A 66 0.22 -10.25 -9.31
CA LEU A 66 0.56 -9.68 -10.62
C LEU A 66 1.35 -10.65 -11.48
N PHE A 67 2.21 -11.47 -10.87
CA PHE A 67 2.94 -12.49 -11.61
C PHE A 67 2.85 -13.78 -10.84
N GLU A 68 3.23 -14.86 -11.53
CA GLU A 68 3.11 -16.21 -10.98
C GLU A 68 3.92 -16.37 -9.70
N ASN A 69 5.16 -15.86 -9.69
CA ASN A 69 6.07 -15.97 -8.56
C ASN A 69 6.50 -14.56 -8.21
N THR A 70 6.07 -14.08 -7.05
CA THR A 70 6.38 -12.73 -6.59
C THR A 70 6.88 -12.74 -5.16
N THR A 71 7.59 -11.67 -4.83
CA THR A 71 7.81 -11.25 -3.45
C THR A 71 7.10 -9.90 -3.29
N LEU A 72 6.11 -9.84 -2.42
CA LEU A 72 5.41 -8.59 -2.21
C LEU A 72 6.02 -7.86 -1.01
N ILE A 73 6.63 -6.72 -1.26
CA ILE A 73 7.12 -5.83 -0.22
C ILE A 73 6.08 -4.75 0.01
N VAL A 74 5.66 -4.57 1.26
CA VAL A 74 4.72 -3.50 1.59
C VAL A 74 5.48 -2.40 2.28
N GLY A 75 5.31 -1.16 1.81
CA GLY A 75 5.87 0.01 2.48
C GLY A 75 4.80 0.71 3.28
N VAL A 76 5.09 0.98 4.56
CA VAL A 76 4.15 1.65 5.47
C VAL A 76 4.65 3.07 5.77
N THR A 77 3.84 4.07 5.44
CA THR A 77 4.31 5.45 5.56
C THR A 77 4.41 5.90 7.03
N SER A 78 5.31 6.83 7.28
CA SER A 78 5.52 7.35 8.63
C SER A 78 4.34 8.19 9.09
N ASP A 79 4.14 8.22 10.43
CA ASP A 79 3.09 9.06 11.01
C ASP A 79 3.28 10.54 10.64
N ASN A 80 4.49 11.07 10.82
CA ASN A 80 4.70 12.50 10.59
C ASN A 80 4.43 12.89 9.14
N GLU A 81 4.93 12.10 8.20
CA GLU A 81 4.74 12.40 6.79
C GLU A 81 3.28 12.22 6.37
N THR A 82 2.61 11.16 6.84
CA THR A 82 1.19 11.01 6.53
C THR A 82 0.41 12.23 6.98
N LYS A 83 0.57 12.63 8.26
CA LYS A 83 -0.14 13.81 8.75
C LYS A 83 0.19 15.04 7.93
N LEU A 84 1.45 15.18 7.52
CA LEU A 84 1.89 16.38 6.82
C LEU A 84 1.24 16.50 5.45
N PHE A 85 1.25 15.41 4.67
CA PHE A 85 0.87 15.46 3.27
C PHE A 85 -0.53 14.95 2.97
N LYS A 86 -1.14 14.22 3.90
CA LYS A 86 -2.42 13.57 3.64
C LYS A 86 -3.48 13.96 4.67
N GLY A 87 -3.23 13.70 5.93
CA GLY A 87 -4.19 14.03 6.95
C GLY A 87 -4.04 13.09 8.12
N GLN A 88 -4.95 13.27 9.07
CA GLN A 88 -4.88 12.55 10.33
C GLN A 88 -4.89 11.05 10.11
N VAL A 89 -3.95 10.36 10.73
CA VAL A 89 -3.93 8.91 10.75
C VAL A 89 -4.47 8.45 12.10
N VAL A 90 -5.26 7.40 12.09
CA VAL A 90 -5.86 6.91 13.33
C VAL A 90 -4.86 6.06 14.09
N GLN A 91 -4.21 5.13 13.40
CA GLN A 91 -3.32 4.15 14.02
C GLN A 91 -1.88 4.61 13.86
N THR A 92 -1.06 4.27 14.86
CA THR A 92 0.37 4.58 14.82
C THR A 92 1.07 3.71 13.78
N LEU A 93 2.28 4.13 13.42
CA LEU A 93 3.06 3.32 12.49
C LEU A 93 3.17 1.89 13.00
N GLU A 94 3.43 1.71 14.29
CA GLU A 94 3.60 0.36 14.79
C GLU A 94 2.29 -0.43 14.73
N GLU A 95 1.16 0.20 15.03
CA GLU A 95 -0.11 -0.50 14.89
C GLU A 95 -0.41 -0.86 13.43
N ARG A 96 -0.16 0.06 12.50
CA ARG A 96 -0.51 -0.23 11.10
C ARG A 96 0.38 -1.33 10.54
N THR A 97 1.65 -1.31 10.94
CA THR A 97 2.60 -2.34 10.53
C THR A 97 2.26 -3.70 11.15
N GLU A 98 1.90 -3.73 12.42
CA GLU A 98 1.67 -5.04 13.03
C GLU A 98 0.48 -5.75 12.39
N THR A 99 -0.58 -5.03 12.02
CA THR A 99 -1.71 -5.67 11.37
C THR A 99 -1.30 -6.30 10.03
N LEU A 100 -0.57 -5.53 9.20
CA LEU A 100 -0.10 -6.05 7.91
C LEU A 100 0.65 -7.36 8.04
N LYS A 101 1.42 -7.55 9.12
CA LYS A 101 2.12 -8.80 9.33
C LYS A 101 1.18 -10.02 9.27
N HIS A 102 -0.11 -9.83 9.54
CA HIS A 102 -1.03 -10.96 9.60
C HIS A 102 -1.72 -11.25 8.26
N ILE A 103 -1.34 -10.58 7.20
CA ILE A 103 -2.09 -10.62 5.94
C ILE A 103 -1.36 -11.58 5.02
N ARG A 104 -2.09 -12.51 4.44
CA ARG A 104 -1.53 -13.66 3.76
C ARG A 104 -0.59 -13.26 2.63
N TRP A 105 -0.92 -12.17 1.96
CA TRP A 105 -0.24 -11.75 0.74
C TRP A 105 1.07 -11.03 1.01
N VAL A 106 1.30 -10.58 2.25
CA VAL A 106 2.46 -9.75 2.58
C VAL A 106 3.67 -10.64 2.84
N ASP A 107 4.74 -10.41 2.08
CA ASP A 107 5.96 -11.18 2.28
C ASP A 107 7.00 -10.43 3.11
N GLU A 108 7.16 -9.14 2.87
CA GLU A 108 8.15 -8.31 3.55
C GLU A 108 7.53 -6.96 3.79
N ILE A 109 8.00 -6.26 4.83
CA ILE A 109 7.49 -4.93 5.13
C ILE A 109 8.66 -3.98 5.32
N ILE A 110 8.59 -2.83 4.66
CA ILE A 110 9.52 -1.73 4.90
C ILE A 110 8.73 -0.71 5.69
N SER A 111 9.05 -0.58 6.98
CA SER A 111 8.32 0.33 7.87
C SER A 111 9.25 1.09 8.80
N PRO A 112 9.31 2.43 8.73
CA PRO A 112 8.53 3.25 7.81
C PRO A 112 9.19 3.19 6.42
N CYS A 113 8.45 3.61 5.42
CA CYS A 113 8.96 3.70 4.07
C CYS A 113 9.06 5.17 3.66
N PRO A 114 9.82 5.47 2.61
CA PRO A 114 9.89 6.85 2.16
C PRO A 114 8.55 7.30 1.59
N TRP A 115 8.25 8.57 1.76
CA TRP A 115 7.01 9.11 1.22
C TRP A 115 6.98 9.02 -0.31
N VAL A 116 8.10 9.34 -0.95
CA VAL A 116 8.20 9.30 -2.41
C VAL A 116 9.20 8.24 -2.83
N VAL A 117 8.76 7.34 -3.73
CA VAL A 117 9.65 6.38 -4.37
C VAL A 117 10.67 7.10 -5.24
N THR A 118 11.92 6.64 -5.22
CA THR A 118 13.00 7.15 -6.04
C THR A 118 13.63 6.01 -6.83
N PRO A 119 14.29 6.30 -7.95
CA PRO A 119 15.11 5.25 -8.61
C PRO A 119 16.09 4.58 -7.66
N GLU A 120 16.80 5.35 -6.84
CA GLU A 120 17.73 4.79 -5.85
C GLU A 120 17.05 3.76 -4.97
N PHE A 121 15.84 4.06 -4.49
CA PHE A 121 15.10 3.11 -3.67
C PHE A 121 14.85 1.80 -4.41
N LEU A 122 14.52 1.87 -5.70
CA LEU A 122 14.23 0.65 -6.47
C LEU A 122 15.48 -0.22 -6.60
N GLU A 123 16.64 0.40 -6.75
CA GLU A 123 17.88 -0.36 -6.83
C GLU A 123 18.25 -0.97 -5.49
N LYS A 124 18.16 -0.18 -4.41
CA LYS A 124 18.48 -0.66 -3.07
C LYS A 124 17.76 -1.96 -2.74
N TYR A 125 16.44 -2.01 -2.94
CA TYR A 125 15.63 -3.17 -2.61
C TYR A 125 15.36 -4.11 -3.80
N LYS A 126 15.95 -3.85 -4.97
CA LYS A 126 15.85 -4.76 -6.12
C LYS A 126 14.39 -4.94 -6.54
N ILE A 127 13.66 -3.83 -6.58
CA ILE A 127 12.23 -3.83 -6.86
C ILE A 127 12.00 -3.85 -8.38
N ASP A 128 11.16 -4.77 -8.84
CA ASP A 128 10.89 -4.83 -10.27
C ASP A 128 9.71 -3.97 -10.69
N TYR A 129 8.66 -3.88 -9.85
CA TYR A 129 7.50 -3.06 -10.15
C TYR A 129 6.99 -2.41 -8.87
N VAL A 130 6.44 -1.20 -9.04
CA VAL A 130 5.69 -0.52 -7.99
C VAL A 130 4.20 -0.70 -8.29
N ALA A 131 3.44 -1.17 -7.30
CA ALA A 131 2.00 -1.39 -7.42
C ALA A 131 1.27 -0.39 -6.52
N HIS A 132 0.35 0.37 -7.11
CA HIS A 132 -0.30 1.45 -6.38
C HIS A 132 -1.55 1.80 -7.16
N ASP A 133 -2.57 2.31 -6.45
CA ASP A 133 -3.73 2.88 -7.11
C ASP A 133 -3.33 4.14 -7.89
N ASP A 134 -3.99 4.37 -9.03
CA ASP A 134 -3.57 5.43 -9.93
C ASP A 134 -4.31 6.73 -9.64
N ILE A 135 -5.62 6.74 -9.79
CA ILE A 135 -6.45 7.88 -9.37
C ILE A 135 -5.98 9.20 -10.00
N GLU A 143 1.79 17.25 -11.40
CA GLU A 143 1.34 16.24 -12.36
C GLU A 143 1.47 14.82 -11.80
N ASP A 144 1.52 13.85 -12.70
CA ASP A 144 1.49 12.43 -12.36
C ASP A 144 2.78 12.02 -11.66
N ILE A 145 2.73 11.76 -10.35
CA ILE A 145 3.90 11.30 -9.62
C ILE A 145 4.36 9.91 -10.01
N TYR A 146 3.53 9.16 -10.74
CA TYR A 146 3.90 7.85 -11.22
C TYR A 146 4.33 7.86 -12.69
N ALA A 147 4.40 9.05 -13.32
CA ALA A 147 4.80 9.13 -14.71
C ALA A 147 6.16 8.46 -14.96
N TRP A 148 7.19 8.77 -14.17
CA TRP A 148 8.48 8.16 -14.41
C TRP A 148 8.45 6.65 -14.24
N LEU A 149 7.64 6.13 -13.31
CA LEU A 149 7.56 4.68 -13.19
C LEU A 149 6.91 4.07 -14.43
N LYS A 150 5.82 4.66 -14.90
CA LYS A 150 5.17 4.15 -16.11
C LYS A 150 6.11 4.23 -17.30
N ARG A 151 6.84 5.34 -17.45
CA ARG A 151 7.79 5.46 -18.54
C ARG A 151 8.82 4.32 -18.53
N ALA A 152 9.18 3.83 -17.35
CA ALA A 152 10.20 2.80 -17.25
C ALA A 152 9.65 1.39 -17.38
N GLY A 153 8.33 1.23 -17.54
CA GLY A 153 7.69 -0.08 -17.50
C GLY A 153 7.56 -0.69 -16.12
N LYS A 154 7.63 0.12 -15.06
CA LYS A 154 7.77 -0.40 -13.71
C LYS A 154 6.54 -0.13 -12.84
N PHE A 155 5.44 0.31 -13.42
CA PHE A 155 4.24 0.67 -12.65
C PHE A 155 3.14 -0.34 -12.95
N LYS A 156 2.49 -0.83 -11.89
CA LYS A 156 1.35 -1.73 -12.00
C LYS A 156 0.18 -1.14 -11.23
N ALA A 157 -0.90 -0.80 -11.93
CA ALA A 157 -2.05 -0.23 -11.26
C ALA A 157 -2.75 -1.31 -10.48
N THR A 158 -3.16 -0.98 -9.25
CA THR A 158 -4.08 -1.78 -8.48
C THR A 158 -5.28 -0.91 -8.11
N GLN A 159 -6.43 -1.56 -7.91
CA GLN A 159 -7.72 -0.88 -7.80
C GLN A 159 -8.23 -0.87 -6.37
N ARG A 160 -8.87 0.23 -6.00
CA ARG A 160 -9.53 0.37 -4.72
C ARG A 160 -10.90 -0.29 -4.75
N THR A 161 -11.38 -0.71 -3.59
CA THR A 161 -12.76 -1.16 -3.41
C THR A 161 -13.52 -0.12 -2.61
N GLU A 162 -14.57 0.45 -3.19
CA GLU A 162 -15.34 1.47 -2.49
C GLU A 162 -16.27 0.84 -1.47
N GLY A 163 -16.60 1.61 -0.43
CA GLY A 163 -17.68 1.28 0.50
C GLY A 163 -17.33 0.30 1.61
N VAL A 164 -16.24 -0.44 1.50
CA VAL A 164 -15.93 -1.49 2.45
C VAL A 164 -15.07 -0.95 3.59
N SER A 165 -14.99 0.38 3.70
CA SER A 165 -14.03 0.96 4.62
C SER A 165 -14.55 0.97 6.05
N THR A 166 -13.62 0.95 7.00
CA THR A 166 -13.97 1.01 8.42
C THR A 166 -14.80 2.25 8.75
N THR A 167 -14.55 3.36 8.05
CA THR A 167 -15.42 4.55 8.14
C THR A 167 -16.87 4.20 7.87
N ASP A 168 -17.12 3.49 6.77
CA ASP A 168 -18.49 3.24 6.34
C ASP A 168 -19.19 2.25 7.23
N LEU A 169 -18.44 1.42 7.97
CA LEU A 169 -19.08 0.43 8.80
C LEU A 169 -19.72 1.06 10.02
N ILE A 170 -19.06 2.04 10.62
CA ILE A 170 -19.73 2.70 11.73
C ILE A 170 -20.82 3.65 11.21
N VAL A 171 -20.64 4.24 10.02
CA VAL A 171 -21.73 4.96 9.38
C VAL A 171 -22.91 4.03 9.17
N ARG A 172 -22.63 2.77 8.81
CA ARG A 172 -23.67 1.75 8.73
C ARG A 172 -24.33 1.52 10.09
N ILE A 173 -23.53 1.28 11.14
CA ILE A 173 -24.05 1.06 12.48
C ILE A 173 -24.77 2.28 13.02
N LEU A 174 -24.60 3.43 12.36
CA LEU A 174 -25.31 4.64 12.73
C LEU A 174 -26.70 4.58 12.10
N LYS A 175 -27.37 3.42 12.28
CA LYS A 175 -28.78 3.24 11.92
C LYS A 175 -29.63 2.62 13.02
N ASN A 176 -29.04 1.94 14.02
CA ASN A 176 -29.82 1.31 15.09
C ASN A 176 -30.58 2.34 15.92
N TYR A 177 -30.41 3.63 15.58
CA TYR A 177 -31.01 4.76 16.28
C TYR A 177 -31.65 5.77 15.31
N01 XHD B . -0.42 8.08 0.12
C02 XHD B . 0.74 8.05 0.08
C03 XHD B . 2.22 8.03 0.02
C04 XHD B . 2.78 6.73 -0.50
N05 XHD B . 4.15 6.60 -0.73
O06 XHD B . 2.02 5.77 -0.72
#